data_7MHC
#
_entry.id   7MHC
#
_cell.length_a   88.120
_cell.length_b   72.740
_cell.length_c   36.370
_cell.angle_alpha   90.000
_cell.angle_beta   100.970
_cell.angle_gamma   90.000
#
_symmetry.space_group_name_H-M   'C 1 2 1'
#
loop_
_entity.id
_entity.type
_entity.pdbx_description
1 polymer 'Stimulator of interferon genes protein'
2 non-polymer (2R,5R,7R,8S,10R,12aR,14R,15S,15aR,16R)-7-(2-amino-6-oxo-1,6-dihydro-9H-purin-9-yl)-14-(6-amino-9H-purin-9-yl)-15,16-difluoro-2,10-bis(sulfanyl)octahydro-2H,10H,12H-5,8-methano-2lambda~5~,10lambda~5~-furo[3,2-l][1,3,6,9,11,2,10]pentaoxadiphosphacyclotetradecine-2,10-dione
3 water water
#
_entity_poly.entity_id   1
_entity_poly.type   'polypeptide(L)'
_entity_poly.pdbx_seq_one_letter_code
;NVAHGLAWSYYIGYLRLILPELQARIRTYNQHYNNLLRGAVSQRLYILLPLDCGVPDNLSMADPNIRFLDKLPQQTADRA
GIKDRVYSNSIYELLENGQRAGTCVLEYATPLQTLFAMSQYSQAGFSREDRLEQAKLFCQTLEDILADAPESQNNCRLIA
YQEPADDSSFSLSQEVLRHLRQEEKEEV
;
_entity_poly.pdbx_strand_id   A
#
loop_
_chem_comp.id
_chem_comp.type
_chem_comp.name
_chem_comp.formula
ZEV non-polymer (2R,5R,7R,8S,10R,12aR,14R,15S,15aR,16R)-7-(2-amino-6-oxo-1,6-dihydro-9H-purin-9-yl)-14-(6-amino-9H-purin-9-yl)-15,16-difluoro-2,10-bis(sulfanyl)octahydro-2H,10H,12H-5,8-methano-2lambda~5~,10lambda~5~-furo[3,2-l][1,3,6,9,11,2,10]pentaoxadiphosphacyclotetradecine-2,10-dione 'C20 H20 F2 N10 O9 P2 S2 -2'
#
# COMPACT_ATOMS: atom_id res chain seq x y z
N ASN A 1 4.19 12.95 -18.35
CA ASN A 1 5.14 13.20 -17.27
C ASN A 1 5.53 11.91 -16.51
N VAL A 2 6.56 11.99 -15.63
CA VAL A 2 7.03 10.86 -14.83
C VAL A 2 5.89 10.31 -13.92
N ALA A 3 5.27 11.17 -13.07
CA ALA A 3 4.19 10.77 -12.15
C ALA A 3 3.00 10.15 -12.89
N HIS A 4 2.62 10.75 -14.05
CA HIS A 4 1.51 10.32 -14.91
C HIS A 4 1.67 8.88 -15.35
N GLY A 5 2.80 8.55 -15.98
CA GLY A 5 3.11 7.20 -16.42
C GLY A 5 3.19 6.24 -15.27
N LEU A 6 3.73 6.67 -14.12
CA LEU A 6 3.84 5.79 -12.96
C LEU A 6 2.48 5.48 -12.33
N ALA A 7 1.59 6.47 -12.23
CA ALA A 7 0.28 6.26 -11.60
C ALA A 7 -0.59 5.32 -12.43
N TRP A 8 -0.53 5.49 -13.76
CA TRP A 8 -1.25 4.65 -14.70
C TRP A 8 -0.71 3.21 -14.75
N SER A 9 0.60 3.05 -14.50
CA SER A 9 1.28 1.77 -14.48
C SER A 9 0.93 1.02 -13.21
N TYR A 10 0.85 1.75 -12.10
CA TYR A 10 0.51 1.23 -10.78
C TYR A 10 -0.93 0.72 -10.79
N TYR A 11 -1.80 1.41 -11.51
CA TYR A 11 -3.17 1.02 -11.68
C TYR A 11 -3.30 -0.20 -12.61
N ILE A 12 -2.85 -0.06 -13.88
CA ILE A 12 -2.90 -1.08 -14.94
C ILE A 12 -2.14 -2.37 -14.57
N GLY A 13 -0.91 -2.27 -14.07
CA GLY A 13 -0.10 -3.43 -13.77
C GLY A 13 -0.19 -3.96 -12.36
N TYR A 14 -1.08 -3.37 -11.52
CA TYR A 14 -1.13 -3.84 -10.15
C TYR A 14 -2.50 -3.76 -9.51
N LEU A 15 -3.00 -2.57 -9.22
CA LEU A 15 -4.29 -2.47 -8.53
C LEU A 15 -5.46 -3.03 -9.27
N ARG A 16 -5.56 -2.82 -10.59
CA ARG A 16 -6.75 -3.39 -11.29
C ARG A 16 -6.67 -4.91 -11.39
N LEU A 17 -5.47 -5.49 -11.13
CA LEU A 17 -5.27 -6.93 -11.20
C LEU A 17 -5.51 -7.60 -9.84
N ILE A 18 -5.19 -6.92 -8.75
CA ILE A 18 -5.30 -7.55 -7.43
C ILE A 18 -6.52 -7.07 -6.61
N LEU A 19 -7.04 -5.84 -6.84
CA LEU A 19 -8.19 -5.37 -6.06
C LEU A 19 -9.44 -6.24 -6.30
N PRO A 20 -9.78 -6.67 -7.55
CA PRO A 20 -10.95 -7.56 -7.72
C PRO A 20 -10.88 -8.91 -7.00
N GLU A 21 -9.67 -9.42 -6.70
CA GLU A 21 -9.45 -10.71 -6.06
C GLU A 21 -9.13 -10.65 -4.55
N LEU A 22 -8.96 -9.42 -4.03
CA LEU A 22 -8.58 -9.16 -2.65
C LEU A 22 -9.62 -9.54 -1.59
N GLN A 23 -10.92 -9.28 -1.82
CA GLN A 23 -11.99 -9.65 -0.85
C GLN A 23 -11.98 -11.14 -0.51
N ALA A 24 -11.85 -12.00 -1.56
CA ALA A 24 -11.80 -13.46 -1.45
C ALA A 24 -10.58 -13.95 -0.68
N ARG A 25 -9.40 -13.33 -0.90
CA ARG A 25 -8.16 -13.73 -0.21
C ARG A 25 -8.23 -13.42 1.28
N ILE A 26 -8.81 -12.26 1.63
CA ILE A 26 -9.01 -11.83 3.01
C ILE A 26 -10.07 -12.73 3.66
N ARG A 27 -11.11 -13.20 2.90
CA ARG A 27 -12.15 -14.11 3.40
C ARG A 27 -11.51 -15.48 3.68
N THR A 28 -10.68 -15.98 2.73
CA THR A 28 -9.94 -17.25 2.85
C THR A 28 -9.03 -17.21 4.09
N TYR A 29 -8.37 -16.06 4.35
CA TYR A 29 -7.54 -15.89 5.53
C TYR A 29 -8.38 -15.87 6.82
N ASN A 30 -9.35 -14.92 6.94
CA ASN A 30 -10.24 -14.78 8.08
C ASN A 30 -11.05 -16.04 8.46
N GLN A 31 -11.29 -16.93 7.47
CA GLN A 31 -12.03 -18.18 7.63
C GLN A 31 -11.11 -19.40 7.78
N HIS A 32 -9.79 -19.19 7.76
CA HIS A 32 -8.89 -20.32 7.93
C HIS A 32 -8.84 -20.77 9.41
N TYR A 33 -8.82 -22.10 9.64
CA TYR A 33 -8.82 -22.79 10.95
C TYR A 33 -7.75 -22.28 11.97
N ASN A 34 -6.77 -21.46 11.52
CA ASN A 34 -5.68 -20.91 12.35
C ASN A 34 -5.79 -19.43 12.74
N ASN A 35 -6.77 -18.68 12.21
CA ASN A 35 -6.91 -17.23 12.45
C ASN A 35 -8.14 -16.81 13.26
N LEU A 36 -9.02 -17.77 13.59
CA LEU A 36 -10.28 -17.51 14.31
C LEU A 36 -10.11 -16.94 15.73
N LEU A 37 -9.01 -17.30 16.43
CA LEU A 37 -8.73 -16.82 17.79
C LEU A 37 -8.07 -15.43 17.82
N ARG A 38 -8.04 -14.76 16.65
CA ARG A 38 -7.48 -13.44 16.44
C ARG A 38 -8.49 -12.56 15.76
N GLY A 39 -8.33 -11.25 15.94
CA GLY A 39 -9.20 -10.28 15.33
C GLY A 39 -9.17 -10.41 13.82
N ALA A 40 -10.35 -10.28 13.18
CA ALA A 40 -10.49 -10.38 11.73
C ALA A 40 -9.67 -9.31 11.07
N VAL A 41 -9.04 -9.68 9.95
CA VAL A 41 -8.26 -8.81 9.07
C VAL A 41 -9.31 -7.96 8.36
N SER A 42 -9.25 -6.63 8.55
CA SER A 42 -10.17 -5.70 7.91
C SER A 42 -10.06 -5.79 6.38
N GLN A 43 -11.15 -5.47 5.68
CA GLN A 43 -11.17 -5.49 4.21
C GLN A 43 -10.46 -4.23 3.76
N ARG A 44 -10.09 -4.17 2.44
CA ARG A 44 -9.40 -3.05 1.77
C ARG A 44 -7.90 -3.11 1.88
N LEU A 45 -7.23 -2.66 0.81
CA LEU A 45 -5.79 -2.59 0.80
C LEU A 45 -5.44 -1.21 1.28
N TYR A 46 -4.63 -1.12 2.31
CA TYR A 46 -4.23 0.20 2.78
C TYR A 46 -2.87 0.50 2.15
N ILE A 47 -2.80 1.56 1.34
CA ILE A 47 -1.63 2.00 0.58
C ILE A 47 -1.07 3.25 1.22
N LEU A 48 0.15 3.13 1.76
CA LEU A 48 0.87 4.25 2.38
C LEU A 48 1.50 5.12 1.29
N LEU A 49 1.23 6.44 1.40
CA LEU A 49 1.70 7.41 0.43
C LEU A 49 2.54 8.51 1.08
N PRO A 50 3.79 8.24 1.57
CA PRO A 50 4.61 9.35 2.12
C PRO A 50 5.03 10.31 1.02
N LEU A 51 4.58 11.57 1.11
CA LEU A 51 4.88 12.58 0.07
C LEU A 51 6.36 12.99 0.01
N ASP A 52 7.16 12.62 1.04
CA ASP A 52 8.62 12.82 1.08
C ASP A 52 9.35 11.68 0.31
N CYS A 53 8.60 10.59 -0.08
CA CYS A 53 9.10 9.37 -0.78
C CYS A 53 10.02 8.51 0.11
N GLY A 54 9.90 8.67 1.41
CA GLY A 54 10.65 7.88 2.39
C GLY A 54 9.96 6.55 2.53
N VAL A 55 10.39 5.56 1.72
CA VAL A 55 9.77 4.24 1.70
C VAL A 55 10.76 3.20 2.18
N PRO A 56 10.72 2.83 3.49
CA PRO A 56 11.60 1.74 3.95
C PRO A 56 11.05 0.38 3.48
N ASP A 57 11.91 -0.64 3.34
CA ASP A 57 11.42 -1.95 2.91
C ASP A 57 10.72 -2.70 4.04
N ASN A 58 11.11 -2.41 5.30
CA ASN A 58 10.52 -2.99 6.50
C ASN A 58 9.59 -1.94 7.18
N LEU A 59 8.30 -2.30 7.35
CA LEU A 59 7.30 -1.42 7.96
C LEU A 59 7.54 -1.16 9.47
N SER A 60 8.29 -2.06 10.16
CA SER A 60 8.67 -1.90 11.58
C SER A 60 9.89 -0.95 11.74
N MET A 61 10.42 -0.44 10.60
CA MET A 61 11.50 0.54 10.46
C MET A 61 10.90 1.93 10.11
N ALA A 62 9.61 2.12 10.46
CA ALA A 62 8.79 3.32 10.25
C ALA A 62 7.96 3.61 11.53
N ASP A 63 7.66 2.54 12.31
CA ASP A 63 6.91 2.56 13.57
C ASP A 63 7.06 1.23 14.32
N PRO A 64 7.31 1.22 15.65
CA PRO A 64 7.40 -0.08 16.36
C PRO A 64 6.03 -0.75 16.52
N ASN A 65 4.95 0.08 16.57
CA ASN A 65 3.55 -0.35 16.72
C ASN A 65 2.95 -1.06 15.48
N ILE A 66 3.75 -1.23 14.41
CA ILE A 66 3.34 -1.92 13.19
C ILE A 66 4.11 -3.23 13.06
N ARG A 67 3.57 -4.30 13.68
CA ARG A 67 4.20 -5.62 13.65
C ARG A 67 3.57 -6.55 12.61
N PHE A 68 4.45 -7.18 11.81
CA PHE A 68 4.12 -8.14 10.78
C PHE A 68 3.44 -9.32 11.42
N LEU A 69 2.29 -9.69 10.87
CA LEU A 69 1.51 -10.79 11.40
C LEU A 69 1.65 -12.04 10.53
N ASP A 70 1.28 -11.91 9.25
CA ASP A 70 1.31 -13.02 8.30
C ASP A 70 1.16 -12.52 6.85
N LYS A 71 1.18 -13.46 5.92
CA LYS A 71 0.98 -13.21 4.51
C LYS A 71 -0.40 -13.76 4.18
N LEU A 72 -1.07 -13.10 3.26
CA LEU A 72 -2.34 -13.52 2.71
C LEU A 72 -2.05 -14.66 1.72
N PRO A 73 -3.03 -15.52 1.28
CA PRO A 73 -2.69 -16.51 0.24
C PRO A 73 -2.27 -15.78 -1.05
N GLN A 74 -1.30 -16.33 -1.79
CA GLN A 74 -0.76 -15.72 -3.00
C GLN A 74 -1.72 -15.68 -4.18
N GLN A 75 -1.51 -14.69 -5.07
CA GLN A 75 -2.26 -14.57 -6.30
C GLN A 75 -1.26 -14.84 -7.43
N THR A 76 -1.67 -15.62 -8.44
CA THR A 76 -0.85 -15.92 -9.60
C THR A 76 -1.56 -15.54 -10.90
N ALA A 77 -0.78 -15.18 -11.91
CA ALA A 77 -1.27 -14.80 -13.22
C ALA A 77 -0.15 -14.96 -14.22
N ASP A 78 -0.50 -15.36 -15.44
CA ASP A 78 0.45 -15.39 -16.56
C ASP A 78 0.64 -13.92 -16.96
N ARG A 79 1.87 -13.38 -16.84
CA ARG A 79 2.12 -11.95 -17.08
C ARG A 79 3.29 -11.66 -18.02
N ALA A 80 3.01 -11.10 -19.21
CA ALA A 80 3.99 -10.73 -20.26
C ALA A 80 5.15 -11.75 -20.47
N GLY A 81 4.78 -13.02 -20.72
CA GLY A 81 5.72 -14.11 -20.90
C GLY A 81 6.13 -14.84 -19.63
N ILE A 82 5.72 -14.32 -18.42
CA ILE A 82 6.05 -14.95 -17.13
C ILE A 82 4.87 -15.82 -16.73
N LYS A 83 5.06 -17.16 -16.72
CA LYS A 83 4.01 -18.07 -16.25
C LYS A 83 3.98 -17.98 -14.74
N ASP A 84 2.76 -17.90 -14.19
CA ASP A 84 2.45 -17.81 -12.77
C ASP A 84 3.30 -16.81 -12.01
N ARG A 85 3.25 -15.53 -12.44
CA ARG A 85 3.85 -14.40 -11.74
C ARG A 85 3.07 -14.28 -10.40
N VAL A 86 3.80 -13.96 -9.32
CA VAL A 86 3.25 -13.92 -7.97
C VAL A 86 3.00 -12.50 -7.43
N TYR A 87 1.78 -12.30 -6.87
CA TYR A 87 1.33 -11.07 -6.23
C TYR A 87 1.04 -11.42 -4.78
N SER A 88 1.90 -10.93 -3.91
CA SER A 88 1.88 -11.20 -2.49
C SER A 88 1.52 -9.95 -1.69
N ASN A 89 0.83 -10.14 -0.56
CA ASN A 89 0.41 -9.07 0.33
C ASN A 89 0.62 -9.48 1.78
N SER A 90 1.01 -8.52 2.60
CA SER A 90 1.31 -8.73 4.01
C SER A 90 0.25 -8.11 4.95
N ILE A 91 -0.10 -8.86 6.05
CA ILE A 91 -1.05 -8.45 7.09
C ILE A 91 -0.25 -7.93 8.29
N TYR A 92 -0.69 -6.80 8.84
CA TYR A 92 -0.06 -6.11 9.97
C TYR A 92 -1.01 -5.88 11.16
N GLU A 93 -0.47 -6.04 12.38
CA GLU A 93 -1.22 -5.73 13.60
C GLU A 93 -0.85 -4.31 13.98
N LEU A 94 -1.83 -3.50 14.37
CA LEU A 94 -1.61 -2.12 14.77
C LEU A 94 -1.81 -1.97 16.27
N LEU A 95 -0.81 -1.40 16.96
CA LEU A 95 -0.81 -1.23 18.42
C LEU A 95 -1.18 0.17 18.88
N GLU A 96 -1.97 0.21 19.96
CA GLU A 96 -2.39 1.44 20.62
C GLU A 96 -2.21 1.20 22.12
N ASN A 97 -1.18 1.84 22.71
CA ASN A 97 -0.75 1.74 24.11
C ASN A 97 -0.31 0.29 24.46
N GLY A 98 0.49 -0.29 23.56
CA GLY A 98 1.02 -1.64 23.69
C GLY A 98 0.02 -2.78 23.51
N GLN A 99 -1.18 -2.47 22.97
CA GLN A 99 -2.23 -3.47 22.73
C GLN A 99 -2.83 -3.39 21.33
N ARG A 100 -3.14 -4.59 20.74
CA ARG A 100 -3.73 -4.77 19.40
C ARG A 100 -5.01 -3.97 19.22
N ALA A 101 -4.98 -2.99 18.32
CA ALA A 101 -6.09 -2.09 18.02
C ALA A 101 -6.73 -2.32 16.65
N GLY A 102 -5.95 -2.79 15.68
CA GLY A 102 -6.43 -3.07 14.32
C GLY A 102 -5.59 -4.09 13.58
N THR A 103 -6.20 -4.78 12.60
CA THR A 103 -5.50 -5.78 11.77
C THR A 103 -5.81 -5.47 10.31
N CYS A 104 -4.78 -5.26 9.48
CA CYS A 104 -5.02 -4.91 8.08
C CYS A 104 -3.92 -5.28 7.09
N VAL A 105 -4.30 -5.31 5.80
CA VAL A 105 -3.40 -5.54 4.68
C VAL A 105 -2.85 -4.14 4.36
N LEU A 106 -1.54 -3.99 4.61
CA LEU A 106 -0.86 -2.72 4.50
C LEU A 106 0.45 -2.80 3.70
N GLU A 107 0.70 -1.79 2.88
CA GLU A 107 2.00 -1.65 2.13
C GLU A 107 2.18 -0.22 1.72
N TYR A 108 3.36 0.08 1.19
CA TYR A 108 3.69 1.36 0.59
C TYR A 108 3.41 1.32 -0.93
N ALA A 109 3.12 2.48 -1.56
CA ALA A 109 2.99 2.52 -3.03
C ALA A 109 4.42 2.47 -3.54
N THR A 110 4.79 1.32 -4.16
CA THR A 110 6.17 1.04 -4.65
C THR A 110 6.74 2.13 -5.64
N PRO A 111 5.97 2.71 -6.60
CA PRO A 111 6.53 3.81 -7.41
C PRO A 111 7.09 5.01 -6.59
N LEU A 112 6.65 5.20 -5.30
CA LEU A 112 7.16 6.33 -4.51
C LEU A 112 8.61 6.11 -4.16
N GLN A 113 8.99 4.85 -3.92
CA GLN A 113 10.36 4.43 -3.66
C GLN A 113 11.21 4.60 -4.93
N THR A 114 10.59 4.46 -6.11
CA THR A 114 11.26 4.64 -7.41
C THR A 114 11.54 6.11 -7.65
N LEU A 115 10.56 6.98 -7.41
CA LEU A 115 10.77 8.42 -7.53
C LEU A 115 11.96 8.86 -6.64
N PHE A 116 12.12 8.25 -5.42
CA PHE A 116 13.22 8.58 -4.51
C PHE A 116 14.56 8.16 -5.11
N ALA A 117 14.68 6.87 -5.49
CA ALA A 117 15.89 6.35 -6.09
C ALA A 117 16.26 7.05 -7.38
N MET A 118 15.28 7.44 -8.20
CA MET A 118 15.49 8.24 -9.43
C MET A 118 16.19 9.55 -9.18
N SER A 119 15.77 10.30 -8.14
CA SER A 119 16.38 11.61 -7.83
C SER A 119 17.84 11.45 -7.32
N GLN A 120 18.23 10.23 -6.94
CA GLN A 120 19.55 9.93 -6.41
C GLN A 120 20.57 9.60 -7.50
N TYR A 121 20.09 9.28 -8.72
CA TYR A 121 20.93 8.92 -9.85
C TYR A 121 21.09 10.09 -10.79
N SER A 122 22.32 10.62 -10.91
CA SER A 122 22.62 11.76 -11.77
C SER A 122 22.12 11.62 -13.23
N GLN A 123 22.22 10.42 -13.80
CA GLN A 123 21.80 10.07 -15.17
C GLN A 123 20.24 10.24 -15.40
N ALA A 124 19.46 10.22 -14.30
CA ALA A 124 18.02 10.42 -14.36
C ALA A 124 17.60 11.89 -14.61
N GLY A 125 18.50 12.85 -14.35
CA GLY A 125 18.25 14.28 -14.51
C GLY A 125 17.02 14.74 -13.76
N PHE A 126 16.85 14.21 -12.55
CA PHE A 126 15.65 14.37 -11.71
C PHE A 126 16.05 14.97 -10.38
N SER A 127 15.57 16.18 -10.07
CA SER A 127 15.96 16.84 -8.82
C SER A 127 15.07 16.48 -7.60
N ARG A 128 15.48 16.95 -6.41
CA ARG A 128 14.75 16.76 -5.16
C ARG A 128 13.43 17.58 -5.21
N GLU A 129 13.42 18.70 -5.98
CA GLU A 129 12.24 19.55 -6.20
C GLU A 129 11.30 18.80 -7.13
N ASP A 130 11.87 18.14 -8.16
CA ASP A 130 11.14 17.32 -9.13
C ASP A 130 10.53 16.13 -8.40
N ARG A 131 11.25 15.59 -7.41
CA ARG A 131 10.76 14.46 -6.63
C ARG A 131 9.54 14.83 -5.80
N LEU A 132 9.55 16.01 -5.14
CA LEU A 132 8.42 16.44 -4.31
C LEU A 132 7.20 16.76 -5.17
N GLU A 133 7.46 17.36 -6.35
CA GLU A 133 6.48 17.78 -7.34
C GLU A 133 5.80 16.56 -7.96
N GLN A 134 6.59 15.53 -8.33
CA GLN A 134 6.06 14.31 -8.93
C GLN A 134 5.40 13.43 -7.90
N ALA A 135 5.87 13.40 -6.62
CA ALA A 135 5.20 12.58 -5.60
C ALA A 135 3.74 12.99 -5.42
N LYS A 136 3.45 14.32 -5.32
CA LYS A 136 2.13 14.93 -5.16
C LYS A 136 1.28 14.64 -6.37
N LEU A 137 1.87 14.77 -7.56
CA LEU A 137 1.19 14.50 -8.82
C LEU A 137 0.84 13.01 -8.99
N PHE A 138 1.68 12.07 -8.49
CA PHE A 138 1.38 10.63 -8.55
C PHE A 138 0.14 10.36 -7.67
N CYS A 139 0.13 10.91 -6.43
CA CYS A 139 -0.96 10.72 -5.46
C CYS A 139 -2.30 11.28 -5.98
N GLN A 140 -2.24 12.39 -6.72
CA GLN A 140 -3.39 13.05 -7.32
C GLN A 140 -3.96 12.23 -8.48
N THR A 141 -3.07 11.79 -9.42
CA THR A 141 -3.45 11.01 -10.60
C THR A 141 -4.04 9.68 -10.19
N LEU A 142 -3.49 9.06 -9.14
CA LEU A 142 -3.99 7.80 -8.61
C LEU A 142 -5.40 7.96 -8.09
N GLU A 143 -5.62 8.98 -7.23
CA GLU A 143 -6.94 9.34 -6.71
C GLU A 143 -7.97 9.57 -7.84
N ASP A 144 -7.59 10.34 -8.88
CA ASP A 144 -8.48 10.59 -10.03
C ASP A 144 -8.76 9.30 -10.79
N ILE A 145 -7.74 8.39 -10.92
CA ILE A 145 -7.99 7.13 -11.62
C ILE A 145 -9.02 6.30 -10.86
N LEU A 146 -8.81 6.14 -9.53
CA LEU A 146 -9.64 5.34 -8.63
C LEU A 146 -11.06 5.89 -8.49
N ALA A 147 -11.24 7.22 -8.56
CA ALA A 147 -12.54 7.91 -8.43
C ALA A 147 -13.58 7.49 -9.50
N ASP A 148 -13.11 7.05 -10.67
CA ASP A 148 -13.97 6.57 -11.74
C ASP A 148 -13.64 5.09 -12.03
N ALA A 149 -13.03 4.38 -11.07
CA ALA A 149 -12.63 2.99 -11.29
C ALA A 149 -13.62 1.94 -10.79
N PRO A 150 -13.97 0.96 -11.69
CA PRO A 150 -14.86 -0.14 -11.29
C PRO A 150 -14.18 -1.28 -10.51
N GLU A 151 -12.83 -1.20 -10.29
CA GLU A 151 -12.03 -2.15 -9.49
C GLU A 151 -12.05 -1.69 -8.02
N SER A 152 -12.11 -0.37 -7.86
CA SER A 152 -12.28 0.31 -6.59
C SER A 152 -13.84 0.34 -6.35
N GLN A 153 -14.28 -0.69 -5.63
CA GLN A 153 -15.66 -0.90 -5.20
C GLN A 153 -15.54 -1.03 -3.68
N ASN A 154 -14.80 -0.07 -3.07
CA ASN A 154 -14.45 0.00 -1.63
C ASN A 154 -13.44 -1.14 -1.35
N ASN A 155 -12.38 -1.24 -2.20
CA ASN A 155 -11.39 -2.30 -2.09
C ASN A 155 -10.00 -1.85 -1.64
N CYS A 156 -9.78 -0.53 -1.53
CA CYS A 156 -8.51 0.05 -1.11
C CYS A 156 -8.68 1.44 -0.54
N ARG A 157 -7.72 1.85 0.29
CA ARG A 157 -7.72 3.16 0.93
C ARG A 157 -6.33 3.83 0.79
N LEU A 158 -6.30 5.04 0.23
CA LEU A 158 -5.07 5.81 0.04
C LEU A 158 -4.74 6.64 1.30
N ILE A 159 -3.53 6.48 1.85
CA ILE A 159 -3.13 7.20 3.07
C ILE A 159 -1.95 8.09 2.77
N ALA A 160 -2.20 9.33 2.33
CA ALA A 160 -1.17 10.31 2.04
C ALA A 160 -0.75 11.04 3.34
N TYR A 161 0.57 11.28 3.53
CA TYR A 161 1.06 11.94 4.75
C TYR A 161 2.42 12.64 4.60
N GLN A 162 2.66 13.63 5.49
CA GLN A 162 3.89 14.47 5.60
C GLN A 162 4.47 14.43 7.03
N GLU A 163 5.81 14.25 7.15
CA GLU A 163 6.51 14.18 8.43
C GLU A 163 7.18 15.51 8.87
N PRO A 164 6.79 16.09 10.04
CA PRO A 164 7.43 17.36 10.48
C PRO A 164 8.65 17.12 11.37
N SER A 169 6.99 14.75 16.85
CA SER A 169 6.84 13.32 16.67
C SER A 169 5.60 12.96 15.85
N PHE A 170 5.73 11.94 14.97
CA PHE A 170 4.66 11.43 14.11
C PHE A 170 4.41 9.93 14.34
N SER A 171 3.13 9.51 14.33
CA SER A 171 2.75 8.11 14.51
C SER A 171 2.08 7.54 13.25
N LEU A 172 2.80 6.64 12.56
CA LEU A 172 2.29 6.00 11.34
C LEU A 172 1.14 5.06 11.70
N SER A 173 1.26 4.34 12.84
CA SER A 173 0.26 3.44 13.40
C SER A 173 -1.06 4.19 13.66
N GLN A 174 -0.97 5.42 14.20
CA GLN A 174 -2.11 6.28 14.48
C GLN A 174 -2.80 6.74 13.21
N GLU A 175 -1.99 7.16 12.22
CA GLU A 175 -2.43 7.61 10.89
C GLU A 175 -3.22 6.48 10.19
N VAL A 176 -2.75 5.22 10.28
CA VAL A 176 -3.42 4.03 9.73
C VAL A 176 -4.70 3.72 10.55
N LEU A 177 -4.57 3.65 11.90
CA LEU A 177 -5.71 3.40 12.81
C LEU A 177 -6.86 4.39 12.59
N ARG A 178 -6.53 5.64 12.27
CA ARG A 178 -7.49 6.69 11.98
C ARG A 178 -8.30 6.36 10.71
N HIS A 179 -7.65 5.80 9.67
CA HIS A 179 -8.30 5.43 8.42
C HIS A 179 -9.15 4.20 8.60
N LEU A 180 -8.66 3.24 9.39
CA LEU A 180 -9.36 2.00 9.66
C LEU A 180 -10.61 2.20 10.51
N ARG A 181 -10.57 3.16 11.45
CA ARG A 181 -11.73 3.46 12.32
C ARG A 181 -12.83 4.23 11.63
N GLN A 182 -12.52 4.88 10.48
CA GLN A 182 -13.45 5.66 9.66
C GLN A 182 -14.60 4.78 9.11
N GLU A 183 -14.37 3.45 9.01
CA GLU A 183 -15.32 2.46 8.48
C GLU A 183 -16.44 2.10 9.47
N1 ZEV B . 8.39 -6.55 -10.72
N3 ZEV B . 8.71 -7.28 -14.21
C4 ZEV B . 8.67 -6.75 -12.98
C5 ZEV B . 8.47 -7.43 -11.79
C6 ZEV B . 8.57 -5.38 -11.28
C7 ZEV B . 8.34 -8.83 -11.88
C8 ZEV B . 8.56 -8.60 -14.16
C10 ZEV B . 8.29 -1.43 -11.61
C13 ZEV B . 3.30 -0.89 -11.28
C15 ZEV B . 3.79 -4.12 -7.90
C17 ZEV B . 4.05 -4.61 -10.02
O8 ZEV B . 5.03 -4.90 -13.35
P ZEV B . 4.62 -3.48 -13.67
O ZEV B . 3.93 -2.88 -12.41
S ZEV B . 3.71 -3.23 -15.35
O1 ZEV B . 5.86 -2.54 -13.51
C1 ZEV B . 7.08 -3.12 -13.03
C9 ZEV B . 8.28 -2.21 -12.89
O2 ZEV B . 9.36 -3.17 -12.90
C3 ZEV B . 8.95 -4.33 -13.58
N ZEV B . 8.77 -5.42 -12.64
N2 ZEV B . 8.39 -9.40 -13.11
N4 ZEV B . 8.19 -9.63 -10.82
C2 ZEV B . 7.57 -4.01 -14.16
F1 ZEV B . 6.82 -5.18 -14.18
O3 ZEV B . 7.86 -2.34 -10.57
P1 ZEV B . 7.72 -1.84 -9.10
S1 ZEV B . 8.99 -0.48 -8.61
O7 ZEV B . 7.68 -2.98 -8.16
O4 ZEV B . 6.27 -1.27 -9.25
C11 ZEV B . 5.19 -1.62 -10.13
C14 ZEV B . 3.95 -2.12 -9.40
O5 ZEV B . 2.85 -1.77 -10.23
C12 ZEV B . 4.67 -0.42 -10.87
F ZEV B . 4.72 0.71 -10.03
C ZEV B . 3.26 -1.63 -12.59
N5 ZEV B . 3.93 -3.56 -9.14
N6 ZEV B . 3.97 -5.79 -9.44
C16 ZEV B . 3.79 -5.48 -8.10
C18 ZEV B . 3.64 -6.34 -6.96
O6 ZEV B . 3.61 -7.58 -6.94
N7 ZEV B . 3.52 -5.61 -5.78
C19 ZEV B . 3.54 -4.25 -5.70
N9 ZEV B . 3.36 -3.71 -4.48
N8 ZEV B . 3.69 -3.45 -6.75
H11 ZEV B . 8.53 -4.44 -10.73
H12 ZEV B . 8.57 -9.09 -15.13
H15 ZEV B . 9.29 -1.05 -11.38
H16 ZEV B . 7.62 -0.57 -11.65
H6 ZEV B . 2.59 -0.06 -11.29
H17 ZEV B . 4.18 -4.46 -11.10
H ZEV B . 6.87 -3.66 -12.12
H3 ZEV B . 8.41 -1.53 -13.73
H2 ZEV B . 9.67 -4.63 -14.34
H13 ZEV B . 8.13 -9.25 -9.89
H14 ZEV B . 8.11 -10.65 -10.93
H1 ZEV B . 7.56 -3.55 -15.15
H4 ZEV B . 5.64 -2.37 -10.78
H7 ZEV B . 3.79 -1.65 -8.43
H5 ZEV B . 5.28 -0.16 -11.73
H9 ZEV B . 3.72 -1.05 -13.38
H10 ZEV B . 2.26 -1.90 -12.91
H8 ZEV B . 3.41 -6.17 -4.95
H19 ZEV B . 3.32 -2.71 -4.38
H18 ZEV B . 3.22 -4.27 -3.65
#